data_7YIC
#
_entry.id   7YIC
#
_cell.length_a   69.280
_cell.length_b   109.928
_cell.length_c   120.668
_cell.angle_alpha   90.00
_cell.angle_beta   90.00
_cell.angle_gamma   90.00
#
_symmetry.space_group_name_H-M   'C 2 2 21'
#
loop_
_entity.id
_entity.type
_entity.pdbx_description
1 polymer 'Short chain alcohol dehydrogenase'
2 water water
#
_entity_poly.entity_id   1
_entity_poly.type   'polypeptide(L)'
_entity_poly.pdbx_seq_one_letter_code
;AQYDVADRSAIVTGGGSGIGRAVALTLAASGAAVLVTDLNEEHAQAVVAEIEAAGGKAAALAGDVTDPAFGEASVAGANA
LAPLKIAVNNAGIGGEAATVGDYSLDSWRTVIEVNLNAVFYGMQPQLKAMAANGGGAIVNMASILGSVGFANSSAYVTAK
HALLGLTQNAALEYAADKVRVVAVGPGFIRTPLVEANLSADALAFLEGKHALGRLGEPEEVASLVAFLASDAASFITGSY
HLVDGGYTAQ
;
_entity_poly.pdbx_strand_id   A,B
#
# COMPACT_ATOMS: atom_id res chain seq x y z
N ALA A 1 -16.09 -29.85 1.32
CA ALA A 1 -17.15 -29.90 2.37
C ALA A 1 -17.43 -28.48 2.91
N GLN A 2 -18.33 -28.38 3.90
CA GLN A 2 -18.85 -27.11 4.36
C GLN A 2 -17.94 -26.39 5.37
N TYR A 3 -18.18 -25.09 5.51
CA TYR A 3 -17.44 -24.14 6.40
C TYR A 3 -18.43 -23.60 7.44
N ASP A 4 -17.98 -23.32 8.67
CA ASP A 4 -18.88 -23.04 9.81
C ASP A 4 -19.93 -21.96 9.50
N VAL A 5 -19.46 -20.78 9.07
CA VAL A 5 -20.26 -19.67 8.47
C VAL A 5 -21.80 -19.67 8.34
N ALA A 6 -22.53 -20.18 9.34
CA ALA A 6 -24.00 -20.16 9.35
C ALA A 6 -24.57 -19.33 10.51
N ASP A 7 -25.84 -18.93 10.37
CA ASP A 7 -26.55 -17.98 11.25
C ASP A 7 -26.42 -16.53 10.79
N ARG A 8 -25.41 -16.20 9.95
CA ARG A 8 -24.95 -14.80 9.74
C ARG A 8 -25.06 -14.37 8.28
N SER A 9 -24.85 -13.07 8.04
CA SER A 9 -24.81 -12.50 6.70
C SER A 9 -23.37 -12.20 6.30
N ALA A 10 -23.12 -12.22 4.99
CA ALA A 10 -21.84 -11.92 4.38
C ALA A 10 -22.01 -10.94 3.23
N ILE A 11 -21.18 -9.89 3.22
CA ILE A 11 -21.07 -9.00 2.09
C ILE A 11 -19.98 -9.54 1.18
N VAL A 12 -20.28 -9.75 -0.09
CA VAL A 12 -19.28 -10.11 -1.10
C VAL A 12 -19.25 -9.08 -2.22
N THR A 13 -18.59 -7.95 -1.93
CA THR A 13 -18.37 -6.93 -2.96
C THR A 13 -17.73 -7.54 -4.20
N GLY A 14 -18.03 -6.94 -5.36
CA GLY A 14 -17.65 -7.50 -6.66
C GLY A 14 -18.03 -8.96 -6.81
N GLY A 15 -19.22 -9.32 -6.29
CA GLY A 15 -19.67 -10.70 -6.22
C GLY A 15 -20.47 -11.18 -7.42
N GLY A 16 -20.51 -10.36 -8.48
CA GLY A 16 -21.28 -10.66 -9.68
C GLY A 16 -20.64 -11.65 -10.63
N SER A 17 -19.34 -11.92 -10.44
CA SER A 17 -18.57 -12.76 -11.35
C SER A 17 -17.29 -13.27 -10.72
N GLY A 18 -16.65 -14.22 -11.43
CA GLY A 18 -15.33 -14.73 -11.11
C GLY A 18 -15.16 -15.20 -9.69
N ILE A 19 -14.20 -14.63 -8.97
CA ILE A 19 -13.87 -15.05 -7.61
C ILE A 19 -15.02 -14.71 -6.66
N GLY A 20 -15.46 -13.44 -6.69
CA GLY A 20 -16.56 -12.96 -5.87
C GLY A 20 -17.78 -13.85 -5.95
N ARG A 21 -18.12 -14.25 -7.18
CA ARG A 21 -19.23 -15.20 -7.48
C ARG A 21 -18.95 -16.54 -6.80
N ALA A 22 -17.78 -17.13 -7.04
CA ALA A 22 -17.37 -18.37 -6.37
C ALA A 22 -17.50 -18.25 -4.85
N VAL A 23 -16.98 -17.15 -4.30
CA VAL A 23 -17.06 -16.84 -2.86
C VAL A 23 -18.52 -16.73 -2.38
N ALA A 24 -19.37 -16.11 -3.21
CA ALA A 24 -20.79 -15.92 -2.88
C ALA A 24 -21.48 -17.28 -2.73
N LEU A 25 -21.31 -18.13 -3.75
CA LEU A 25 -21.93 -19.45 -3.80
C LEU A 25 -21.44 -20.39 -2.71
N THR A 26 -20.12 -20.36 -2.45
CA THR A 26 -19.49 -21.23 -1.47
C THR A 26 -19.98 -20.93 -0.05
N LEU A 27 -19.97 -19.64 0.33
CA LEU A 27 -20.52 -19.21 1.60
C LEU A 27 -22.01 -19.56 1.70
N ALA A 28 -22.77 -19.18 0.67
CA ALA A 28 -24.22 -19.43 0.59
C ALA A 28 -24.62 -20.88 0.85
N ALA A 29 -23.83 -21.82 0.31
CA ALA A 29 -24.14 -23.25 0.42
C ALA A 29 -23.91 -23.80 1.82
N SER A 30 -23.07 -23.11 2.60
CA SER A 30 -22.74 -23.47 3.98
C SER A 30 -23.59 -22.70 5.00
N GLY A 31 -24.74 -22.20 4.55
CA GLY A 31 -25.75 -21.59 5.40
C GLY A 31 -25.72 -20.08 5.51
N ALA A 32 -24.68 -19.45 4.94
CA ALA A 32 -24.49 -18.00 5.03
C ALA A 32 -25.54 -17.23 4.20
N ALA A 33 -26.05 -16.13 4.76
CA ALA A 33 -26.88 -15.18 4.03
C ALA A 33 -25.99 -14.16 3.33
N VAL A 34 -25.86 -14.26 2.00
CA VAL A 34 -24.93 -13.40 1.26
C VAL A 34 -25.59 -12.21 0.54
N LEU A 35 -25.09 -11.00 0.84
CA LEU A 35 -25.37 -9.78 0.06
C LEU A 35 -24.35 -9.64 -1.09
N VAL A 36 -24.81 -9.98 -2.29
CA VAL A 36 -23.99 -9.99 -3.50
C VAL A 36 -23.95 -8.56 -4.08
N THR A 37 -22.83 -7.86 -3.88
CA THR A 37 -22.65 -6.49 -4.36
C THR A 37 -21.87 -6.48 -5.67
N ASP A 38 -22.30 -5.64 -6.62
CA ASP A 38 -21.64 -5.51 -7.91
C ASP A 38 -22.01 -4.21 -8.62
N LEU A 39 -21.16 -3.79 -9.57
CA LEU A 39 -21.41 -2.66 -10.44
C LEU A 39 -22.58 -2.98 -11.36
N ASN A 40 -22.72 -4.25 -11.74
CA ASN A 40 -23.85 -4.69 -12.61
C ASN A 40 -24.97 -5.33 -11.77
N GLU A 41 -26.23 -4.94 -12.00
CA GLU A 41 -27.40 -5.52 -11.30
C GLU A 41 -27.72 -6.87 -11.94
N GLU A 42 -27.60 -6.92 -13.26
CA GLU A 42 -27.89 -8.14 -14.02
C GLU A 42 -26.98 -9.28 -13.56
N HIS A 43 -25.72 -8.99 -13.22
CA HIS A 43 -24.76 -10.05 -12.82
C HIS A 43 -25.00 -10.37 -11.35
N ALA A 44 -25.09 -9.37 -10.50
CA ALA A 44 -25.34 -9.56 -9.08
C ALA A 44 -26.60 -10.35 -8.82
N GLN A 45 -27.64 -10.09 -9.62
CA GLN A 45 -28.93 -10.75 -9.50
C GLN A 45 -28.87 -12.19 -9.96
N ALA A 46 -28.10 -12.47 -11.01
CA ALA A 46 -27.97 -13.82 -11.56
C ALA A 46 -27.43 -14.79 -10.51
N VAL A 47 -26.51 -14.27 -9.67
CA VAL A 47 -25.89 -15.00 -8.58
C VAL A 47 -26.87 -15.25 -7.44
N VAL A 48 -27.48 -14.17 -6.94
CA VAL A 48 -28.61 -14.26 -5.99
C VAL A 48 -29.60 -15.35 -6.44
N ALA A 49 -29.93 -15.34 -7.74
CA ALA A 49 -30.84 -16.30 -8.35
C ALA A 49 -30.33 -17.73 -8.18
N GLU A 50 -29.04 -17.92 -8.44
CA GLU A 50 -28.36 -19.20 -8.29
C GLU A 50 -28.36 -19.69 -6.84
N ILE A 51 -28.09 -18.78 -5.90
CA ILE A 51 -28.07 -19.09 -4.48
C ILE A 51 -29.44 -19.55 -4.01
N GLU A 52 -30.47 -18.71 -4.24
CA GLU A 52 -31.84 -19.01 -3.88
C GLU A 52 -32.26 -20.38 -4.45
N ALA A 53 -31.91 -20.60 -5.73
CA ALA A 53 -32.24 -21.84 -6.43
C ALA A 53 -31.62 -23.07 -5.78
N ALA A 54 -30.41 -22.92 -5.23
CA ALA A 54 -29.71 -24.00 -4.52
C ALA A 54 -29.98 -23.98 -3.00
N GLY A 55 -31.14 -23.48 -2.59
CA GLY A 55 -31.61 -23.52 -1.21
C GLY A 55 -31.27 -22.32 -0.31
N GLY A 56 -30.32 -21.47 -0.81
CA GLY A 56 -29.74 -20.42 0.00
C GLY A 56 -30.58 -19.16 0.13
N LYS A 57 -30.04 -18.19 0.87
CA LYS A 57 -30.63 -16.87 1.08
C LYS A 57 -29.64 -15.82 0.58
N ALA A 58 -30.12 -14.85 -0.21
CA ALA A 58 -29.27 -13.81 -0.78
C ALA A 58 -30.06 -12.61 -1.31
N ALA A 59 -29.42 -11.44 -1.25
CA ALA A 59 -29.94 -10.20 -1.82
C ALA A 59 -28.85 -9.48 -2.60
N ALA A 60 -29.27 -8.76 -3.65
CA ALA A 60 -28.39 -8.05 -4.55
C ALA A 60 -28.40 -6.55 -4.22
N LEU A 61 -27.29 -5.88 -4.52
CA LEU A 61 -27.14 -4.45 -4.33
C LEU A 61 -26.13 -3.97 -5.35
N ALA A 62 -26.62 -3.29 -6.38
CA ALA A 62 -25.79 -2.77 -7.45
C ALA A 62 -25.41 -1.35 -7.10
N GLY A 63 -24.10 -1.05 -7.18
CA GLY A 63 -23.61 0.29 -6.98
C GLY A 63 -22.12 0.47 -7.19
N ASP A 64 -21.59 1.53 -6.57
CA ASP A 64 -20.19 1.89 -6.66
C ASP A 64 -19.57 1.92 -5.25
N VAL A 65 -18.64 0.98 -5.00
CA VAL A 65 -17.92 0.91 -3.74
C VAL A 65 -17.08 2.15 -3.42
N THR A 66 -16.79 2.98 -4.44
CA THR A 66 -16.14 4.30 -4.30
C THR A 66 -16.92 5.22 -3.37
N ASP A 67 -18.25 5.10 -3.42
CA ASP A 67 -19.17 5.92 -2.66
C ASP A 67 -19.33 5.37 -1.25
N PRO A 68 -18.79 6.04 -0.20
CA PRO A 68 -18.96 5.58 1.18
C PRO A 68 -20.40 5.25 1.58
N ALA A 69 -21.38 6.01 1.09
CA ALA A 69 -22.81 5.74 1.34
C ALA A 69 -23.20 4.31 0.94
N PHE A 70 -22.60 3.82 -0.16
CA PHE A 70 -22.82 2.44 -0.63
C PHE A 70 -22.32 1.37 0.34
N GLY A 71 -21.31 1.70 1.14
CA GLY A 71 -20.77 0.84 2.19
C GLY A 71 -21.76 0.64 3.32
N GLU A 72 -22.33 1.74 3.84
CA GLU A 72 -23.34 1.65 4.91
C GLU A 72 -24.58 0.91 4.44
N ALA A 73 -24.91 1.08 3.16
CA ALA A 73 -26.08 0.49 2.51
C ALA A 73 -25.94 -1.03 2.41
N SER A 74 -24.74 -1.48 2.03
CA SER A 74 -24.41 -2.90 1.95
C SER A 74 -24.51 -3.55 3.32
N VAL A 75 -24.00 -2.84 4.33
CA VAL A 75 -24.06 -3.28 5.72
C VAL A 75 -25.51 -3.46 6.18
N ALA A 76 -26.31 -2.40 6.08
CA ALA A 76 -27.72 -2.42 6.49
C ALA A 76 -28.57 -3.44 5.70
N GLY A 77 -28.19 -3.67 4.43
CA GLY A 77 -28.82 -4.66 3.58
C GLY A 77 -28.53 -6.07 4.05
N ALA A 78 -27.26 -6.46 4.03
CA ALA A 78 -26.82 -7.74 4.56
C ALA A 78 -27.40 -7.95 5.95
N ASN A 79 -27.24 -6.94 6.81
CA ASN A 79 -27.68 -6.99 8.19
C ASN A 79 -29.19 -7.30 8.31
N ALA A 80 -29.97 -6.90 7.31
CA ALA A 80 -31.39 -7.22 7.23
C ALA A 80 -31.65 -8.73 7.05
N LEU A 81 -30.75 -9.41 6.35
CA LEU A 81 -30.85 -10.84 6.09
C LEU A 81 -30.57 -11.65 7.35
N ALA A 82 -29.47 -11.28 8.00
CA ALA A 82 -29.03 -11.95 9.25
C ALA A 82 -27.95 -11.08 9.89
N PRO A 83 -27.65 -11.20 11.19
CA PRO A 83 -26.59 -10.41 11.81
C PRO A 83 -25.31 -10.48 10.96
N LEU A 84 -24.59 -9.36 10.86
CA LEU A 84 -23.42 -9.33 9.93
C LEU A 84 -22.13 -9.84 10.57
N LYS A 85 -21.62 -10.91 10.01
CA LYS A 85 -20.26 -11.37 10.35
C LYS A 85 -19.76 -11.41 8.91
N ILE A 86 -18.58 -11.88 8.63
CA ILE A 86 -18.15 -12.02 7.22
C ILE A 86 -18.37 -10.83 6.28
N ALA A 87 -17.29 -10.32 5.73
CA ALA A 87 -17.28 -9.34 4.66
C ALA A 87 -16.07 -9.67 3.80
N VAL A 88 -16.33 -9.99 2.52
CA VAL A 88 -15.29 -10.22 1.54
C VAL A 88 -15.22 -9.04 0.57
N ASN A 89 -14.20 -8.19 0.77
CA ASN A 89 -13.93 -7.04 -0.08
C ASN A 89 -13.12 -7.50 -1.28
N ASN A 90 -13.84 -7.86 -2.35
CA ASN A 90 -13.29 -8.48 -3.54
C ASN A 90 -13.16 -7.52 -4.73
N ALA A 91 -14.17 -6.67 -4.92
CA ALA A 91 -14.18 -5.59 -5.92
C ALA A 91 -12.81 -4.94 -6.10
N GLY A 92 -12.29 -5.10 -7.32
CA GLY A 92 -11.07 -4.45 -7.76
C GLY A 92 -11.14 -4.31 -9.27
N ILE A 93 -10.07 -3.61 -9.82
CA ILE A 93 -9.97 -3.39 -11.25
C ILE A 93 -8.51 -3.26 -11.65
N GLY A 94 -8.21 -3.74 -12.86
CA GLY A 94 -6.90 -3.53 -13.48
C GLY A 94 -6.86 -2.12 -14.03
N GLY A 95 -5.69 -1.49 -13.96
CA GLY A 95 -5.50 -0.15 -14.51
C GLY A 95 -4.97 -0.23 -15.92
N GLU A 96 -4.49 0.91 -16.40
CA GLU A 96 -3.77 1.03 -17.67
C GLU A 96 -2.54 0.12 -17.64
N ALA A 97 -2.23 -0.51 -18.79
CA ALA A 97 -1.02 -1.31 -18.94
C ALA A 97 0.11 -0.42 -19.47
N ALA A 98 0.89 0.14 -18.53
CA ALA A 98 2.01 1.00 -18.88
C ALA A 98 3.01 1.16 -17.73
N THR A 99 4.17 1.74 -18.03
CA THR A 99 5.22 1.96 -17.03
C THR A 99 4.76 3.00 -16.01
N VAL A 100 5.46 3.04 -14.86
CA VAL A 100 5.22 4.02 -13.81
C VAL A 100 5.34 5.44 -14.39
N GLY A 101 6.30 5.63 -15.29
CA GLY A 101 6.56 6.92 -15.92
C GLY A 101 5.44 7.38 -16.84
N ASP A 102 5.00 6.49 -17.73
CA ASP A 102 3.96 6.79 -18.73
C ASP A 102 2.53 6.76 -18.20
N TYR A 103 2.35 6.34 -16.94
CA TYR A 103 1.02 6.03 -16.35
C TYR A 103 0.19 7.31 -16.26
N SER A 104 -1.05 7.29 -16.74
CA SER A 104 -1.96 8.42 -16.65
C SER A 104 -2.34 8.62 -15.19
N LEU A 105 -2.61 9.88 -14.83
CA LEU A 105 -2.92 10.27 -13.47
C LEU A 105 -4.31 9.78 -13.09
N ASP A 106 -5.23 9.85 -14.06
CA ASP A 106 -6.60 9.37 -13.92
C ASP A 106 -6.61 7.92 -13.56
N SER A 107 -5.93 7.09 -14.37
CA SER A 107 -5.90 5.66 -14.19
C SER A 107 -5.36 5.30 -12.81
N TRP A 108 -4.23 5.92 -12.46
CA TRP A 108 -3.57 5.66 -11.19
C TRP A 108 -4.48 5.97 -9.99
N ARG A 109 -5.09 7.15 -10.00
CA ARG A 109 -6.04 7.62 -8.96
C ARG A 109 -7.26 6.69 -8.93
N THR A 110 -7.73 6.25 -10.10
CA THR A 110 -8.89 5.39 -10.22
C THR A 110 -8.60 4.06 -9.55
N VAL A 111 -7.50 3.40 -9.96
CA VAL A 111 -7.24 2.06 -9.46
C VAL A 111 -7.03 2.09 -7.93
N ILE A 112 -6.43 3.19 -7.44
CA ILE A 112 -6.24 3.38 -6.01
C ILE A 112 -7.61 3.59 -5.34
N GLU A 113 -8.44 4.17 -6.17
CA GLU A 113 -9.66 4.58 -5.49
C GLU A 113 -10.58 3.38 -5.17
N VAL A 114 -10.61 2.54 -6.29
CA VAL A 114 -11.31 1.25 -6.28
C VAL A 114 -10.57 0.25 -5.38
N ASN A 115 -9.34 -0.08 -5.77
CA ASN A 115 -8.59 -1.17 -5.13
C ASN A 115 -8.12 -0.91 -3.69
N LEU A 116 -8.17 0.34 -3.24
CA LEU A 116 -7.76 0.66 -1.87
C LEU A 116 -8.77 1.46 -1.02
N ASN A 117 -9.22 2.60 -1.54
CA ASN A 117 -10.07 3.52 -0.78
C ASN A 117 -11.47 2.93 -0.55
N ALA A 118 -12.05 2.37 -1.62
CA ALA A 118 -13.35 1.69 -1.58
C ALA A 118 -13.38 0.63 -0.48
N VAL A 119 -12.31 -0.17 -0.38
CA VAL A 119 -12.18 -1.17 0.67
C VAL A 119 -12.28 -0.50 2.04
N PHE A 120 -11.45 0.52 2.24
CA PHE A 120 -11.45 1.30 3.47
C PHE A 120 -12.85 1.85 3.79
N TYR A 121 -13.46 2.58 2.84
CA TYR A 121 -14.83 3.14 2.96
C TYR A 121 -15.79 2.04 3.42
N GLY A 122 -15.74 0.88 2.76
CA GLY A 122 -16.60 -0.27 3.04
C GLY A 122 -16.32 -0.86 4.41
N MET A 123 -15.02 -0.97 4.72
CA MET A 123 -14.58 -1.58 5.96
C MET A 123 -15.07 -0.88 7.22
N GLN A 124 -15.25 0.44 7.14
CA GLN A 124 -15.62 1.28 8.29
C GLN A 124 -16.91 0.84 8.98
N PRO A 125 -18.08 0.81 8.29
CA PRO A 125 -19.32 0.31 8.88
C PRO A 125 -19.36 -1.21 9.05
N GLN A 126 -18.61 -1.95 8.22
CA GLN A 126 -18.37 -3.38 8.44
C GLN A 126 -17.86 -3.61 9.85
N LEU A 127 -16.80 -2.88 10.20
CA LEU A 127 -16.12 -3.01 11.51
C LEU A 127 -17.00 -2.64 12.70
N LYS A 128 -17.72 -1.51 12.59
CA LYS A 128 -18.61 -1.02 13.65
C LYS A 128 -19.76 -1.99 13.87
N ALA A 129 -20.22 -2.60 12.77
CA ALA A 129 -21.36 -3.51 12.78
C ALA A 129 -21.02 -4.85 13.44
N MET A 130 -19.95 -5.50 12.96
CA MET A 130 -19.49 -6.75 13.50
C MET A 130 -19.08 -6.58 14.98
N ALA A 131 -18.45 -5.43 15.30
CA ALA A 131 -18.07 -5.07 16.67
C ALA A 131 -19.28 -4.94 17.61
N ALA A 132 -20.42 -4.50 17.06
CA ALA A 132 -21.66 -4.37 17.82
C ALA A 132 -22.24 -5.74 18.15
N ASN A 133 -22.47 -6.55 17.13
CA ASN A 133 -23.11 -7.86 17.27
C ASN A 133 -22.16 -9.04 17.50
N GLY A 134 -21.13 -8.81 18.32
CA GLY A 134 -20.37 -9.87 18.97
C GLY A 134 -19.03 -10.28 18.39
N GLY A 135 -18.81 -9.98 17.11
CA GLY A 135 -17.58 -10.33 16.40
C GLY A 135 -17.88 -10.73 14.97
N GLY A 136 -16.83 -11.08 14.23
CA GLY A 136 -16.92 -11.44 12.83
C GLY A 136 -15.55 -11.49 12.17
N ALA A 137 -15.55 -11.44 10.83
CA ALA A 137 -14.36 -11.63 10.03
C ALA A 137 -14.44 -10.86 8.72
N ILE A 138 -13.51 -9.92 8.50
CA ILE A 138 -13.38 -9.22 7.24
C ILE A 138 -12.23 -9.86 6.47
N VAL A 139 -12.48 -10.20 5.21
CA VAL A 139 -11.48 -10.81 4.35
C VAL A 139 -11.25 -9.85 3.19
N ASN A 140 -10.02 -9.35 3.06
CA ASN A 140 -9.68 -8.42 1.99
C ASN A 140 -8.91 -9.14 0.88
N MET A 141 -9.48 -9.09 -0.34
CA MET A 141 -8.87 -9.68 -1.51
C MET A 141 -7.66 -8.86 -1.93
N ALA A 142 -6.51 -9.22 -1.36
CA ALA A 142 -5.24 -8.69 -1.81
C ALA A 142 -4.86 -9.50 -3.05
N SER A 143 -3.57 -9.85 -3.18
CA SER A 143 -3.09 -10.64 -4.28
C SER A 143 -1.65 -11.05 -3.99
N ILE A 144 -1.10 -11.92 -4.83
CA ILE A 144 0.34 -12.13 -4.88
C ILE A 144 1.04 -10.78 -5.04
N LEU A 145 0.38 -9.85 -5.76
CA LEU A 145 0.93 -8.52 -6.03
C LEU A 145 0.78 -7.52 -4.88
N GLY A 146 0.39 -8.01 -3.71
CA GLY A 146 0.49 -7.29 -2.44
C GLY A 146 1.83 -7.52 -1.74
N SER A 147 2.60 -8.51 -2.22
CA SER A 147 3.93 -8.83 -1.70
C SER A 147 5.04 -8.97 -2.77
N VAL A 148 4.65 -9.12 -4.05
CA VAL A 148 5.57 -8.94 -5.17
C VAL A 148 5.01 -7.95 -6.19
N GLY A 149 5.86 -7.56 -7.15
CA GLY A 149 5.49 -6.59 -8.17
C GLY A 149 5.43 -7.24 -9.53
N PHE A 150 4.80 -6.55 -10.49
CA PHE A 150 4.59 -7.07 -11.83
C PHE A 150 4.66 -5.90 -12.82
N ALA A 151 5.65 -5.96 -13.72
CA ALA A 151 5.94 -4.90 -14.66
C ALA A 151 4.68 -4.40 -15.36
N ASN A 152 4.53 -3.07 -15.41
CA ASN A 152 3.43 -2.34 -16.09
C ASN A 152 2.09 -2.26 -15.35
N SER A 153 2.00 -2.92 -14.20
CA SER A 153 0.79 -2.91 -13.37
C SER A 153 1.12 -2.28 -12.04
N SER A 154 1.85 -1.16 -12.10
CA SER A 154 2.32 -0.39 -10.95
C SER A 154 1.21 -0.14 -9.92
N ALA A 155 0.16 0.57 -10.36
CA ALA A 155 -0.93 1.07 -9.53
C ALA A 155 -1.63 -0.06 -8.78
N TYR A 156 -1.89 -1.13 -9.52
CA TYR A 156 -2.48 -2.42 -9.04
C TYR A 156 -1.71 -2.94 -7.82
N VAL A 157 -0.39 -3.11 -7.96
CA VAL A 157 0.44 -3.78 -6.94
C VAL A 157 0.59 -2.87 -5.72
N THR A 158 0.62 -1.56 -5.99
CA THR A 158 0.75 -0.52 -4.97
C THR A 158 -0.47 -0.57 -4.05
N ALA A 159 -1.65 -0.59 -4.68
CA ALA A 159 -2.94 -0.70 -4.00
C ALA A 159 -3.08 -2.05 -3.27
N LYS A 160 -2.73 -3.15 -3.94
CA LYS A 160 -2.77 -4.46 -3.32
C LYS A 160 -1.80 -4.57 -2.14
N HIS A 161 -0.66 -3.86 -2.22
CA HIS A 161 0.27 -3.72 -1.10
C HIS A 161 -0.35 -2.99 0.07
N ALA A 162 -1.19 -1.98 -0.23
CA ALA A 162 -1.78 -1.12 0.79
C ALA A 162 -2.83 -1.86 1.63
N LEU A 163 -3.56 -2.77 1.01
CA LEU A 163 -4.51 -3.61 1.69
C LEU A 163 -3.89 -4.35 2.90
N LEU A 164 -2.70 -4.92 2.70
CA LEU A 164 -1.98 -5.65 3.76
C LEU A 164 -1.79 -4.85 5.05
N GLY A 165 -1.47 -3.56 4.90
CA GLY A 165 -1.34 -2.62 6.02
C GLY A 165 -2.70 -2.25 6.62
N LEU A 166 -3.67 -1.99 5.76
CA LEU A 166 -5.03 -1.67 6.19
C LEU A 166 -5.60 -2.86 6.99
N THR A 167 -5.43 -4.06 6.42
CA THR A 167 -5.80 -5.32 7.04
C THR A 167 -5.15 -5.45 8.43
N GLN A 168 -3.81 -5.44 8.45
CA GLN A 168 -3.04 -5.57 9.69
C GLN A 168 -3.58 -4.65 10.77
N ASN A 169 -3.75 -3.37 10.42
CA ASN A 169 -4.09 -2.33 11.39
C ASN A 169 -5.53 -2.47 11.92
N ALA A 170 -6.48 -2.73 11.03
CA ALA A 170 -7.86 -2.99 11.44
C ALA A 170 -7.90 -4.20 12.40
N ALA A 171 -7.09 -5.23 12.10
CA ALA A 171 -6.99 -6.45 12.91
C ALA A 171 -6.54 -6.14 14.33
N LEU A 172 -5.52 -5.29 14.47
CA LEU A 172 -5.06 -4.85 15.78
C LEU A 172 -6.17 -4.15 16.58
N GLU A 173 -6.79 -3.12 16.00
CA GLU A 173 -7.67 -2.25 16.79
C GLU A 173 -9.05 -2.80 17.14
N TYR A 174 -9.54 -3.78 16.37
CA TYR A 174 -10.87 -4.44 16.58
C TYR A 174 -10.71 -5.93 16.92
N ALA A 175 -9.49 -6.36 17.28
CA ALA A 175 -9.27 -7.69 17.79
C ALA A 175 -10.06 -7.86 19.08
N ALA A 176 -9.95 -6.89 20.00
CA ALA A 176 -10.61 -6.97 21.30
C ALA A 176 -12.14 -6.99 21.25
N ASP A 177 -12.71 -6.62 20.10
CA ASP A 177 -14.16 -6.72 19.83
C ASP A 177 -14.46 -8.02 19.06
N LYS A 178 -13.47 -8.91 19.00
CA LYS A 178 -13.53 -10.19 18.30
C LYS A 178 -13.91 -10.06 16.84
N VAL A 179 -13.48 -8.96 16.21
CA VAL A 179 -13.58 -8.80 14.78
C VAL A 179 -12.22 -9.05 14.16
N ARG A 180 -12.10 -10.19 13.46
CA ARG A 180 -10.86 -10.61 12.76
C ARG A 180 -10.83 -9.88 11.41
N VAL A 181 -9.64 -9.68 10.87
CA VAL A 181 -9.46 -9.07 9.55
C VAL A 181 -8.22 -9.74 8.97
N VAL A 182 -8.38 -10.28 7.75
CA VAL A 182 -7.34 -11.04 7.09
C VAL A 182 -7.29 -10.62 5.62
N ALA A 183 -6.17 -10.93 4.97
CA ALA A 183 -5.96 -10.62 3.57
C ALA A 183 -5.59 -11.89 2.82
N VAL A 184 -6.37 -12.24 1.80
CA VAL A 184 -6.12 -13.38 0.94
C VAL A 184 -5.25 -12.90 -0.22
N GLY A 185 -4.36 -13.78 -0.71
CA GLY A 185 -3.41 -13.44 -1.76
C GLY A 185 -3.44 -14.41 -2.93
N PRO A 186 -4.45 -14.35 -3.82
CA PRO A 186 -4.50 -15.22 -4.99
C PRO A 186 -3.35 -14.93 -5.97
N GLY A 187 -2.92 -15.95 -6.71
CA GLY A 187 -2.08 -15.78 -7.87
C GLY A 187 -3.03 -15.60 -9.02
N PHE A 188 -2.51 -15.64 -10.25
CA PHE A 188 -3.35 -15.50 -11.44
C PHE A 188 -4.41 -16.59 -11.55
N ILE A 189 -5.67 -16.16 -11.47
CA ILE A 189 -6.85 -17.02 -11.49
C ILE A 189 -7.47 -17.00 -12.87
N ARG A 190 -7.78 -18.19 -13.37
CA ARG A 190 -8.37 -18.43 -14.72
C ARG A 190 -9.87 -18.12 -14.64
N THR A 191 -10.21 -16.84 -14.84
CA THR A 191 -11.58 -16.35 -14.90
C THR A 191 -11.91 -16.09 -16.37
N PRO A 192 -13.19 -16.23 -16.79
CA PRO A 192 -13.55 -16.10 -18.21
C PRO A 192 -13.07 -14.79 -18.84
N LEU A 193 -12.99 -13.72 -18.04
CA LEU A 193 -12.44 -12.43 -18.43
C LEU A 193 -10.97 -12.54 -18.81
N VAL A 194 -10.17 -13.15 -17.93
CA VAL A 194 -8.73 -13.31 -18.12
C VAL A 194 -8.39 -14.07 -19.41
N GLU A 195 -9.18 -15.09 -19.74
CA GLU A 195 -8.90 -15.96 -20.90
C GLU A 195 -9.08 -15.21 -22.23
N ALA A 196 -10.13 -14.39 -22.30
CA ALA A 196 -10.48 -13.62 -23.50
C ALA A 196 -9.43 -12.54 -23.82
N ASN A 197 -9.06 -11.78 -22.81
CA ASN A 197 -8.20 -10.59 -22.90
C ASN A 197 -6.66 -10.87 -23.01
N LEU A 198 -6.31 -12.16 -23.01
CA LEU A 198 -4.93 -12.64 -22.89
C LEU A 198 -4.69 -13.77 -23.90
N SER A 199 -3.52 -13.72 -24.54
CA SER A 199 -3.17 -14.60 -25.66
C SER A 199 -2.82 -16.03 -25.26
N ALA A 200 -2.63 -16.90 -26.26
CA ALA A 200 -2.12 -18.24 -26.07
C ALA A 200 -0.68 -18.16 -25.53
N ASP A 201 0.15 -17.36 -26.20
CA ASP A 201 1.54 -17.13 -25.79
C ASP A 201 1.64 -16.45 -24.43
N ALA A 202 0.70 -15.55 -24.15
CA ALA A 202 0.66 -14.81 -22.89
C ALA A 202 0.37 -15.75 -21.72
N LEU A 203 -0.61 -16.64 -21.89
CA LEU A 203 -1.05 -17.58 -20.86
C LEU A 203 -0.01 -18.63 -20.55
N ALA A 204 0.68 -19.11 -21.59
CA ALA A 204 1.85 -19.96 -21.46
C ALA A 204 2.81 -19.34 -20.43
N PHE A 205 3.12 -18.05 -20.62
CA PHE A 205 4.02 -17.29 -19.75
C PHE A 205 3.57 -17.32 -18.29
N LEU A 206 2.30 -16.93 -18.04
CA LEU A 206 1.79 -16.82 -16.68
C LEU A 206 1.70 -18.17 -15.98
N GLU A 207 1.30 -19.21 -16.73
CA GLU A 207 1.20 -20.57 -16.22
C GLU A 207 2.58 -21.03 -15.73
N GLY A 208 3.59 -20.81 -16.58
CA GLY A 208 4.97 -21.18 -16.31
C GLY A 208 5.59 -20.55 -15.06
N LYS A 209 5.00 -19.42 -14.61
CA LYS A 209 5.46 -18.67 -13.44
C LYS A 209 4.87 -19.18 -12.12
N HIS A 210 3.91 -20.12 -12.22
CA HIS A 210 3.37 -20.84 -11.07
C HIS A 210 3.98 -22.24 -11.04
N ALA A 211 4.40 -22.67 -9.83
CA ALA A 211 5.01 -23.96 -9.59
C ALA A 211 4.13 -25.15 -10.04
N LEU A 212 2.82 -25.02 -9.85
CA LEU A 212 1.84 -26.02 -10.26
C LEU A 212 1.64 -26.05 -11.78
N GLY A 213 2.18 -25.03 -12.47
CA GLY A 213 2.24 -24.99 -13.92
C GLY A 213 0.92 -24.70 -14.58
N ARG A 214 -0.02 -24.14 -13.81
CA ARG A 214 -1.36 -23.71 -14.29
C ARG A 214 -1.83 -22.50 -13.47
N LEU A 215 -2.89 -21.83 -13.93
CA LEU A 215 -3.53 -20.77 -13.17
C LEU A 215 -4.52 -21.42 -12.23
N GLY A 216 -4.83 -20.71 -11.13
CA GLY A 216 -5.83 -21.12 -10.17
C GLY A 216 -7.23 -20.99 -10.77
N GLU A 217 -8.18 -21.75 -10.21
CA GLU A 217 -9.61 -21.62 -10.53
C GLU A 217 -10.26 -20.79 -9.41
N PRO A 218 -11.34 -20.05 -9.71
CA PRO A 218 -11.97 -19.18 -8.71
C PRO A 218 -12.35 -19.91 -7.40
N GLU A 219 -12.90 -21.13 -7.52
CA GLU A 219 -13.32 -21.92 -6.37
C GLU A 219 -12.16 -22.17 -5.39
N GLU A 220 -10.95 -22.39 -5.93
CA GLU A 220 -9.71 -22.56 -5.15
C GLU A 220 -9.41 -21.38 -4.23
N VAL A 221 -9.69 -20.16 -4.70
CA VAL A 221 -9.61 -18.96 -3.87
C VAL A 221 -10.80 -18.87 -2.92
N ALA A 222 -11.99 -19.24 -3.41
CA ALA A 222 -13.23 -19.24 -2.62
C ALA A 222 -13.19 -20.14 -1.36
N SER A 223 -12.48 -21.28 -1.46
CA SER A 223 -12.35 -22.23 -0.35
C SER A 223 -11.66 -21.60 0.86
N LEU A 224 -10.54 -20.91 0.58
CA LEU A 224 -9.67 -20.32 1.59
C LEU A 224 -10.34 -19.11 2.24
N VAL A 225 -11.12 -18.38 1.45
CA VAL A 225 -11.87 -17.24 1.93
C VAL A 225 -13.01 -17.73 2.84
N ALA A 226 -13.76 -18.71 2.34
CA ALA A 226 -14.82 -19.35 3.11
C ALA A 226 -14.32 -19.81 4.47
N PHE A 227 -13.17 -20.49 4.48
CA PHE A 227 -12.55 -21.01 5.69
C PHE A 227 -12.20 -19.87 6.65
N LEU A 228 -11.45 -18.88 6.13
CA LEU A 228 -10.99 -17.75 6.91
C LEU A 228 -12.14 -16.91 7.48
N ALA A 229 -13.26 -16.88 6.75
CA ALA A 229 -14.46 -16.13 7.15
C ALA A 229 -15.30 -16.86 8.20
N SER A 230 -14.97 -18.14 8.44
CA SER A 230 -15.70 -19.03 9.33
C SER A 230 -15.13 -19.03 10.75
N ASP A 231 -15.92 -19.59 11.69
CA ASP A 231 -15.53 -19.75 13.10
C ASP A 231 -14.38 -20.74 13.26
N ALA A 232 -14.17 -21.57 12.24
CA ALA A 232 -13.09 -22.52 12.21
C ALA A 232 -11.73 -21.83 12.23
N ALA A 233 -11.68 -20.58 11.73
CA ALA A 233 -10.47 -19.74 11.68
C ALA A 233 -10.48 -18.62 12.74
N SER A 234 -10.73 -18.99 14.00
CA SER A 234 -10.95 -18.05 15.09
C SER A 234 -9.69 -17.57 15.85
N PHE A 235 -8.50 -17.99 15.39
CA PHE A 235 -7.22 -17.44 15.90
C PHE A 235 -6.36 -16.88 14.77
N ILE A 236 -7.02 -16.61 13.63
CA ILE A 236 -6.41 -16.02 12.45
C ILE A 236 -6.95 -14.61 12.26
N THR A 237 -6.16 -13.61 12.66
CA THR A 237 -6.43 -12.21 12.37
C THR A 237 -5.12 -11.49 12.08
N GLY A 238 -5.16 -10.55 11.13
CA GLY A 238 -4.03 -9.72 10.77
C GLY A 238 -3.10 -10.30 9.73
N SER A 239 -3.29 -11.58 9.41
CA SER A 239 -2.38 -12.32 8.55
C SER A 239 -2.75 -12.24 7.08
N TYR A 240 -1.77 -12.51 6.22
CA TYR A 240 -1.85 -12.52 4.74
C TYR A 240 -1.72 -13.97 4.27
N HIS A 241 -2.64 -14.44 3.42
CA HIS A 241 -2.73 -15.86 3.12
C HIS A 241 -2.71 -16.15 1.62
N LEU A 242 -1.55 -16.64 1.15
CA LEU A 242 -1.31 -16.92 -0.26
C LEU A 242 -2.03 -18.17 -0.75
N VAL A 243 -2.47 -18.12 -2.02
CA VAL A 243 -3.08 -19.22 -2.72
C VAL A 243 -2.70 -19.03 -4.18
N ASP A 244 -1.47 -19.42 -4.50
CA ASP A 244 -0.76 -18.97 -5.70
C ASP A 244 0.06 -20.04 -6.42
N GLY A 245 -0.21 -21.32 -6.15
CA GLY A 245 0.58 -22.42 -6.67
C GLY A 245 2.08 -22.17 -6.57
N GLY A 246 2.53 -21.67 -5.42
CA GLY A 246 3.92 -21.38 -5.14
C GLY A 246 4.54 -20.35 -6.06
N TYR A 247 3.80 -19.28 -6.35
CA TYR A 247 4.27 -18.14 -7.17
C TYR A 247 5.33 -17.34 -6.41
N THR A 248 5.07 -17.03 -5.13
CA THR A 248 5.94 -16.19 -4.30
C THR A 248 7.10 -16.91 -3.61
N ALA A 249 7.09 -18.25 -3.64
CA ALA A 249 8.14 -19.08 -3.06
C ALA A 249 9.42 -19.06 -3.90
N GLN A 250 9.36 -18.44 -5.08
CA GLN A 250 10.46 -18.34 -6.03
C GLN A 250 11.11 -16.97 -5.92
N ALA B 1 32.69 9.24 7.24
CA ALA B 1 32.77 8.14 6.25
C ALA B 1 31.86 8.49 5.08
N GLN B 2 32.47 8.91 3.95
CA GLN B 2 31.70 9.45 2.83
C GLN B 2 31.15 8.38 1.90
N TYR B 3 30.16 8.77 1.08
CA TYR B 3 29.37 7.90 0.16
C TYR B 3 29.65 8.35 -1.28
N ASP B 4 29.64 7.43 -2.25
CA ASP B 4 30.12 7.71 -3.61
C ASP B 4 29.46 8.94 -4.26
N VAL B 5 28.13 8.94 -4.29
CA VAL B 5 27.23 10.09 -4.61
C VAL B 5 27.74 11.49 -5.05
N ALA B 6 28.79 11.56 -5.90
CA ALA B 6 29.32 12.84 -6.40
C ALA B 6 29.20 12.94 -7.92
N ASP B 7 29.17 14.19 -8.42
CA ASP B 7 28.90 14.54 -9.83
C ASP B 7 27.42 14.55 -10.21
N ARG B 8 26.55 14.40 -9.20
CA ARG B 8 25.09 14.17 -9.34
C ARG B 8 24.33 15.30 -8.65
N SER B 9 23.05 15.49 -9.03
CA SER B 9 22.10 16.24 -8.23
C SER B 9 21.17 15.26 -7.52
N ALA B 10 20.68 15.67 -6.35
CA ALA B 10 19.75 14.88 -5.53
C ALA B 10 18.57 15.76 -5.09
N ILE B 11 17.36 15.25 -5.33
CA ILE B 11 16.14 15.84 -4.80
C ILE B 11 15.88 15.19 -3.44
N VAL B 12 15.74 16.02 -2.40
CA VAL B 12 15.33 15.55 -1.08
C VAL B 12 14.04 16.23 -0.64
N THR B 13 12.93 15.77 -1.22
CA THR B 13 11.56 16.04 -0.82
C THR B 13 11.44 16.06 0.72
N GLY B 14 10.64 17.00 1.26
CA GLY B 14 10.53 17.21 2.69
C GLY B 14 11.86 17.35 3.39
N GLY B 15 12.79 18.06 2.76
CA GLY B 15 14.16 18.18 3.20
C GLY B 15 14.46 19.35 4.13
N GLY B 16 13.41 20.02 4.59
CA GLY B 16 13.52 21.20 5.44
C GLY B 16 13.79 20.93 6.90
N SER B 17 13.59 19.67 7.32
CA SER B 17 13.76 19.30 8.72
C SER B 17 13.93 17.80 8.90
N GLY B 18 14.26 17.43 10.14
CA GLY B 18 14.32 16.05 10.60
C GLY B 18 15.17 15.16 9.72
N ILE B 19 14.57 14.08 9.22
CA ILE B 19 15.29 13.10 8.42
C ILE B 19 15.76 13.70 7.10
N GLY B 20 14.83 14.32 6.36
CA GLY B 20 15.12 14.94 5.09
C GLY B 20 16.29 15.89 5.16
N ARG B 21 16.33 16.70 6.21
CA ARG B 21 17.44 17.64 6.52
C ARG B 21 18.73 16.83 6.69
N ALA B 22 18.72 15.83 7.59
CA ALA B 22 19.87 14.95 7.79
C ALA B 22 20.36 14.35 6.46
N VAL B 23 19.40 13.83 5.66
CA VAL B 23 19.67 13.27 4.34
C VAL B 23 20.29 14.30 3.39
N ALA B 24 19.79 15.54 3.46
CA ALA B 24 20.27 16.62 2.60
C ALA B 24 21.73 16.91 2.89
N LEU B 25 22.05 17.11 4.18
CA LEU B 25 23.40 17.43 4.63
C LEU B 25 24.41 16.30 4.36
N THR B 26 24.00 15.06 4.60
CA THR B 26 24.84 13.88 4.42
C THR B 26 25.25 13.69 2.97
N LEU B 27 24.27 13.74 2.06
CA LEU B 27 24.53 13.67 0.62
C LEU B 27 25.42 14.83 0.18
N ALA B 28 25.02 16.05 0.58
CA ALA B 28 25.73 17.29 0.25
C ALA B 28 27.23 17.26 0.59
N ALA B 29 27.57 16.66 1.74
CA ALA B 29 28.94 16.62 2.23
C ALA B 29 29.82 15.64 1.44
N SER B 30 29.16 14.68 0.77
CA SER B 30 29.83 13.68 -0.05
C SER B 30 29.84 14.06 -1.54
N GLY B 31 29.69 15.37 -1.82
CA GLY B 31 29.83 15.94 -3.14
C GLY B 31 28.55 16.13 -3.94
N ALA B 32 27.42 15.64 -3.43
CA ALA B 32 26.13 15.70 -4.13
C ALA B 32 25.58 17.14 -4.18
N ALA B 33 25.05 17.55 -5.33
CA ALA B 33 24.31 18.82 -5.48
C ALA B 33 22.85 18.59 -5.11
N VAL B 34 22.45 19.08 -3.93
CA VAL B 34 21.12 18.77 -3.38
C VAL B 34 20.08 19.88 -3.58
N LEU B 35 18.96 19.52 -4.22
CA LEU B 35 17.75 20.35 -4.28
C LEU B 35 16.85 20.05 -3.07
N VAL B 36 16.89 20.95 -2.08
CA VAL B 36 16.18 20.79 -0.82
C VAL B 36 14.73 21.26 -0.99
N THR B 37 13.79 20.31 -1.12
CA THR B 37 12.38 20.61 -1.36
C THR B 37 11.60 20.54 -0.05
N ASP B 38 10.71 21.52 0.15
CA ASP B 38 9.92 21.62 1.37
C ASP B 38 8.73 22.57 1.21
N LEU B 39 7.70 22.32 2.04
CA LEU B 39 6.51 23.15 2.11
C LEU B 39 6.88 24.51 2.65
N ASN B 40 7.86 24.53 3.57
CA ASN B 40 8.33 25.75 4.21
C ASN B 40 9.63 26.22 3.55
N GLU B 41 9.59 27.43 2.96
CA GLU B 41 10.71 28.02 2.26
C GLU B 41 11.84 28.39 3.22
N GLU B 42 11.44 28.97 4.37
CA GLU B 42 12.35 29.35 5.44
C GLU B 42 13.16 28.17 5.99
N HIS B 43 12.53 26.99 6.04
CA HIS B 43 13.18 25.78 6.52
C HIS B 43 14.10 25.22 5.44
N ALA B 44 13.60 25.11 4.20
CA ALA B 44 14.35 24.62 3.06
C ALA B 44 15.62 25.43 2.82
N GLN B 45 15.50 26.75 2.99
CA GLN B 45 16.60 27.68 2.80
C GLN B 45 17.65 27.57 3.90
N ALA B 46 17.21 27.34 5.14
CA ALA B 46 18.10 27.26 6.29
C ALA B 46 19.08 26.09 6.12
N VAL B 47 18.59 25.00 5.51
CA VAL B 47 19.36 23.80 5.20
C VAL B 47 20.37 24.05 4.08
N VAL B 48 19.88 24.55 2.94
CA VAL B 48 20.74 25.03 1.86
C VAL B 48 21.88 25.90 2.43
N ALA B 49 21.52 26.79 3.35
CA ALA B 49 22.48 27.68 4.01
C ALA B 49 23.55 26.88 4.77
N GLU B 50 23.10 25.86 5.51
CA GLU B 50 23.99 24.95 6.24
C GLU B 50 24.93 24.16 5.32
N ILE B 51 24.38 23.66 4.21
CA ILE B 51 25.15 22.92 3.20
C ILE B 51 26.25 23.81 2.63
N GLU B 52 25.86 24.95 2.06
CA GLU B 52 26.78 25.91 1.48
C GLU B 52 27.89 26.28 2.46
N ALA B 53 27.49 26.55 3.72
CA ALA B 53 28.41 26.92 4.79
C ALA B 53 29.44 25.84 5.08
N ALA B 54 29.05 24.56 4.95
CA ALA B 54 29.94 23.42 5.14
C ALA B 54 30.56 22.92 3.83
N GLY B 55 30.75 23.83 2.87
CA GLY B 55 31.46 23.56 1.63
C GLY B 55 30.63 23.09 0.43
N GLY B 56 29.37 22.67 0.71
CA GLY B 56 28.54 21.97 -0.26
C GLY B 56 27.85 22.87 -1.27
N LYS B 57 27.10 22.24 -2.17
CA LYS B 57 26.32 22.88 -3.22
C LYS B 57 24.85 22.48 -3.08
N ALA B 58 23.95 23.46 -3.17
CA ALA B 58 22.52 23.24 -2.92
C ALA B 58 21.63 24.43 -3.33
N ALA B 59 20.37 24.11 -3.67
CA ALA B 59 19.33 25.10 -3.95
C ALA B 59 18.02 24.67 -3.29
N ALA B 60 17.19 25.65 -2.92
CA ALA B 60 15.88 25.41 -2.34
C ALA B 60 14.77 25.51 -3.39
N LEU B 61 13.67 24.79 -3.14
CA LEU B 61 12.47 24.86 -3.93
C LEU B 61 11.30 24.57 -3.00
N ALA B 62 10.55 25.62 -2.65
CA ALA B 62 9.40 25.50 -1.77
C ALA B 62 8.16 25.26 -2.60
N GLY B 63 7.39 24.22 -2.23
CA GLY B 63 6.10 23.93 -2.84
C GLY B 63 5.35 22.76 -2.24
N ASP B 64 4.45 22.17 -3.02
CA ASP B 64 3.65 21.03 -2.59
C ASP B 64 3.86 19.82 -3.50
N VAL B 65 4.46 18.76 -2.95
CA VAL B 65 4.69 17.49 -3.66
C VAL B 65 3.39 16.83 -4.18
N THR B 66 2.23 17.22 -3.62
CA THR B 66 0.92 16.72 -4.07
C THR B 66 0.63 17.20 -5.50
N ASP B 67 1.19 18.35 -5.88
CA ASP B 67 1.01 18.92 -7.22
C ASP B 67 2.01 18.29 -8.19
N PRO B 68 1.56 17.44 -9.13
CA PRO B 68 2.45 16.84 -10.13
C PRO B 68 3.40 17.83 -10.83
N ALA B 69 2.91 19.03 -11.14
CA ALA B 69 3.71 20.08 -11.76
C ALA B 69 4.96 20.42 -10.95
N PHE B 70 4.82 20.38 -9.61
CA PHE B 70 5.94 20.61 -8.69
C PHE B 70 7.04 19.52 -8.77
N GLY B 71 6.64 18.30 -9.16
CA GLY B 71 7.56 17.20 -9.35
C GLY B 71 8.49 17.41 -10.54
N GLU B 72 7.91 17.81 -11.68
CA GLU B 72 8.70 18.11 -12.89
C GLU B 72 9.62 19.29 -12.65
N ALA B 73 9.16 20.24 -11.84
CA ALA B 73 9.88 21.48 -11.52
C ALA B 73 11.11 21.20 -10.64
N SER B 74 10.93 20.29 -9.67
CA SER B 74 12.03 19.85 -8.81
C SER B 74 13.10 19.14 -9.63
N VAL B 75 12.66 18.31 -10.59
CA VAL B 75 13.54 17.60 -11.50
C VAL B 75 14.36 18.60 -12.31
N ALA B 76 13.69 19.50 -13.04
CA ALA B 76 14.36 20.52 -13.86
C ALA B 76 15.29 21.46 -13.05
N GLY B 77 14.91 21.72 -11.79
CA GLY B 77 15.71 22.51 -10.87
C GLY B 77 17.01 21.80 -10.48
N ALA B 78 16.87 20.65 -9.81
CA ALA B 78 18.01 19.80 -9.48
C ALA B 78 18.87 19.57 -10.72
N ASN B 79 18.22 19.19 -11.83
CA ASN B 79 18.88 18.88 -13.09
C ASN B 79 19.74 20.05 -13.61
N ALA B 80 19.34 21.28 -13.27
CA ALA B 80 20.12 22.49 -13.57
C ALA B 80 21.45 22.54 -12.83
N LEU B 81 21.49 22.00 -11.60
CA LEU B 81 22.71 21.94 -10.79
C LEU B 81 23.72 20.94 -11.38
N ALA B 82 23.22 19.75 -11.67
CA ALA B 82 24.03 18.64 -12.18
C ALA B 82 23.06 17.55 -12.62
N PRO B 83 23.51 16.57 -13.45
CA PRO B 83 22.63 15.47 -13.88
C PRO B 83 21.96 14.80 -12.68
N LEU B 84 20.64 14.67 -12.71
CA LEU B 84 19.91 14.03 -11.63
C LEU B 84 20.23 12.56 -11.61
N LYS B 85 20.85 12.11 -10.50
CA LYS B 85 21.02 10.68 -10.21
C LYS B 85 20.48 10.11 -8.88
N ILE B 86 20.07 10.98 -7.94
CA ILE B 86 19.48 10.52 -6.68
C ILE B 86 18.13 11.20 -6.49
N ALA B 87 17.20 10.55 -5.79
CA ALA B 87 15.94 11.16 -5.39
C ALA B 87 15.48 10.49 -4.12
N VAL B 88 15.40 11.28 -3.04
CA VAL B 88 14.87 10.81 -1.77
C VAL B 88 13.48 11.43 -1.55
N ASN B 89 12.45 10.59 -1.77
CA ASN B 89 11.06 10.94 -1.50
C ASN B 89 10.77 10.73 -0.03
N ASN B 90 10.98 11.81 0.75
CA ASN B 90 10.93 11.78 2.20
C ASN B 90 9.63 12.35 2.77
N ALA B 91 9.18 13.49 2.21
CA ALA B 91 7.92 14.13 2.62
C ALA B 91 6.81 13.14 2.95
N GLY B 92 6.39 13.16 4.21
CA GLY B 92 5.21 12.48 4.68
C GLY B 92 4.57 13.28 5.80
N ILE B 93 3.39 12.76 6.27
CA ILE B 93 2.65 13.37 7.38
C ILE B 93 1.84 12.29 8.10
N GLY B 94 1.71 12.47 9.43
CA GLY B 94 0.82 11.65 10.24
C GLY B 94 -0.59 12.17 10.02
N GLY B 95 -1.57 11.25 10.04
CA GLY B 95 -2.96 11.60 9.90
C GLY B 95 -3.61 11.77 11.26
N GLU B 96 -4.94 11.79 11.26
CA GLU B 96 -5.76 11.77 12.46
C GLU B 96 -5.40 10.53 13.29
N ALA B 97 -5.39 10.70 14.62
CA ALA B 97 -5.19 9.61 15.56
C ALA B 97 -6.55 9.04 15.95
N ALA B 98 -6.99 8.01 15.22
CA ALA B 98 -8.27 7.35 15.45
C ALA B 98 -8.34 5.99 14.77
N THR B 99 -9.38 5.22 15.14
CA THR B 99 -9.59 3.88 14.60
C THR B 99 -9.94 3.94 13.12
N VAL B 100 -9.82 2.80 12.42
CA VAL B 100 -10.21 2.67 11.03
C VAL B 100 -11.68 3.07 10.86
N GLY B 101 -12.53 2.72 11.83
CA GLY B 101 -13.95 3.03 11.81
C GLY B 101 -14.25 4.51 11.93
N ASP B 102 -13.63 5.15 12.92
CA ASP B 102 -13.84 6.57 13.22
C ASP B 102 -13.10 7.55 12.29
N TYR B 103 -12.23 7.02 11.42
CA TYR B 103 -11.27 7.82 10.62
C TYR B 103 -12.04 8.70 9.63
N SER B 104 -11.74 10.00 9.59
CA SER B 104 -12.37 10.92 8.65
C SER B 104 -11.88 10.60 7.24
N LEU B 105 -12.72 10.85 6.25
CA LEU B 105 -12.43 10.56 4.86
C LEU B 105 -11.41 11.54 4.33
N ASP B 106 -11.52 12.79 4.78
CA ASP B 106 -10.57 13.85 4.43
C ASP B 106 -9.18 13.48 4.84
N SER B 107 -9.02 13.14 6.13
CA SER B 107 -7.73 12.78 6.70
C SER B 107 -7.13 11.61 5.94
N TRP B 108 -7.92 10.55 5.73
CA TRP B 108 -7.48 9.34 5.03
C TRP B 108 -6.95 9.66 3.64
N ARG B 109 -7.75 10.41 2.85
CA ARG B 109 -7.41 10.84 1.47
C ARG B 109 -6.15 11.72 1.51
N THR B 110 -6.05 12.59 2.52
CA THR B 110 -4.94 13.51 2.66
C THR B 110 -3.67 12.73 2.88
N VAL B 111 -3.66 11.86 3.89
CA VAL B 111 -2.45 11.10 4.28
C VAL B 111 -1.94 10.29 3.08
N ILE B 112 -2.90 9.72 2.33
CA ILE B 112 -2.61 8.92 1.15
C ILE B 112 -2.03 9.85 0.07
N GLU B 113 -2.65 11.02 -0.10
CA GLU B 113 -2.22 11.99 -1.11
C GLU B 113 -0.77 12.42 -0.95
N VAL B 114 -0.42 12.72 0.34
CA VAL B 114 0.95 13.12 0.69
C VAL B 114 1.88 11.89 0.68
N ASN B 115 1.58 10.91 1.56
CA ASN B 115 2.48 9.78 1.81
C ASN B 115 2.67 8.80 0.66
N LEU B 116 1.76 8.83 -0.32
CA LEU B 116 1.75 7.83 -1.39
C LEU B 116 1.63 8.37 -2.81
N ASN B 117 0.65 9.23 -3.06
CA ASN B 117 0.43 9.77 -4.41
C ASN B 117 1.54 10.75 -4.80
N ALA B 118 1.90 11.65 -3.88
CA ALA B 118 2.97 12.63 -4.07
C ALA B 118 4.26 11.94 -4.48
N VAL B 119 4.57 10.81 -3.82
CA VAL B 119 5.73 9.98 -4.16
C VAL B 119 5.64 9.55 -5.62
N PHE B 120 4.51 8.93 -5.98
CA PHE B 120 4.23 8.50 -7.34
C PHE B 120 4.39 9.63 -8.35
N TYR B 121 3.67 10.75 -8.12
CA TYR B 121 3.73 11.98 -8.96
C TYR B 121 5.18 12.39 -9.16
N GLY B 122 5.95 12.44 -8.06
CA GLY B 122 7.35 12.83 -8.07
C GLY B 122 8.20 11.84 -8.81
N MET B 123 7.93 10.55 -8.57
CA MET B 123 8.72 9.46 -9.14
C MET B 123 8.71 9.44 -10.67
N GLN B 124 7.59 9.87 -11.27
CA GLN B 124 7.38 9.83 -12.72
C GLN B 124 8.48 10.54 -13.53
N PRO B 125 8.69 11.86 -13.35
CA PRO B 125 9.78 12.57 -14.05
C PRO B 125 11.19 12.26 -13.49
N GLN B 126 11.27 11.87 -12.21
CA GLN B 126 12.49 11.30 -11.64
C GLN B 126 12.98 10.14 -12.49
N LEU B 127 12.09 9.19 -12.76
CA LEU B 127 12.39 7.96 -13.49
C LEU B 127 12.79 8.21 -14.95
N LYS B 128 12.05 9.08 -15.63
CA LYS B 128 12.33 9.42 -17.03
C LYS B 128 13.68 10.10 -17.16
N ALA B 129 14.00 10.92 -16.15
CA ALA B 129 15.21 11.73 -16.13
C ALA B 129 16.45 10.88 -15.93
N MET B 130 16.45 10.09 -14.84
CA MET B 130 17.58 9.21 -14.52
C MET B 130 17.78 8.17 -15.65
N ALA B 131 16.65 7.68 -16.20
CA ALA B 131 16.68 6.75 -17.34
C ALA B 131 17.31 7.34 -18.59
N ALA B 132 17.16 8.66 -18.78
CA ALA B 132 17.75 9.38 -19.90
C ALA B 132 19.26 9.46 -19.75
N ASN B 133 19.70 10.03 -18.62
CA ASN B 133 21.13 10.30 -18.37
C ASN B 133 21.90 9.16 -17.66
N GLY B 134 21.59 7.92 -18.06
CA GLY B 134 22.45 6.77 -17.81
C GLY B 134 22.16 5.86 -16.63
N GLY B 135 21.37 6.36 -15.66
CA GLY B 135 21.01 5.61 -14.48
C GLY B 135 20.98 6.48 -13.25
N GLY B 136 20.65 5.88 -12.10
CA GLY B 136 20.50 6.58 -10.84
C GLY B 136 19.79 5.72 -9.80
N ALA B 137 19.30 6.38 -8.74
CA ALA B 137 18.73 5.71 -7.59
C ALA B 137 17.65 6.55 -6.93
N ILE B 138 16.44 5.99 -6.85
CA ILE B 138 15.33 6.59 -6.13
C ILE B 138 15.22 5.85 -4.79
N VAL B 139 15.17 6.62 -3.70
CA VAL B 139 15.00 6.07 -2.36
C VAL B 139 13.68 6.59 -1.81
N ASN B 140 12.75 5.68 -1.51
CA ASN B 140 11.45 6.04 -0.97
C ASN B 140 11.39 5.81 0.54
N MET B 141 11.11 6.87 1.29
CA MET B 141 10.98 6.80 2.75
C MET B 141 9.71 6.07 3.13
N ALA B 142 9.82 4.74 3.24
CA ALA B 142 8.76 3.94 3.80
C ALA B 142 8.87 4.06 5.33
N SER B 143 8.61 2.96 6.03
CA SER B 143 8.72 2.91 7.48
C SER B 143 8.66 1.46 7.93
N ILE B 144 8.91 1.23 9.23
CA ILE B 144 8.54 -0.02 9.87
C ILE B 144 7.06 -0.32 9.61
N LEU B 145 6.25 0.74 9.51
CA LEU B 145 4.81 0.62 9.28
C LEU B 145 4.42 0.37 7.81
N GLY B 146 5.42 0.07 6.97
CA GLY B 146 5.22 -0.51 5.65
C GLY B 146 5.17 -2.03 5.67
N SER B 147 5.58 -2.63 6.79
CA SER B 147 5.56 -4.08 6.99
C SER B 147 4.89 -4.57 8.30
N VAL B 148 4.71 -3.64 9.27
CA VAL B 148 3.82 -3.88 10.42
C VAL B 148 2.80 -2.75 10.57
N GLY B 149 1.83 -2.97 11.46
CA GLY B 149 0.77 -2.03 11.73
C GLY B 149 0.89 -1.44 13.11
N PHE B 150 0.15 -0.35 13.35
CA PHE B 150 0.22 0.39 14.60
C PHE B 150 -1.13 1.01 14.87
N ALA B 151 -1.76 0.59 15.97
CA ALA B 151 -3.14 0.95 16.28
C ALA B 151 -3.36 2.44 16.18
N ASN B 152 -4.45 2.83 15.49
CA ASN B 152 -4.93 4.22 15.30
C ASN B 152 -4.23 5.05 14.23
N SER B 153 -3.22 4.47 13.58
CA SER B 153 -2.46 5.15 12.52
C SER B 153 -2.66 4.39 11.23
N SER B 154 -3.92 4.02 10.97
CA SER B 154 -4.35 3.23 9.82
C SER B 154 -3.76 3.77 8.50
N ALA B 155 -4.10 5.03 8.18
CA ALA B 155 -3.81 5.64 6.89
C ALA B 155 -2.33 5.64 6.59
N TYR B 156 -1.55 6.00 7.63
CA TYR B 156 -0.07 6.02 7.63
C TYR B 156 0.48 4.67 7.16
N VAL B 157 0.07 3.57 7.82
CA VAL B 157 0.62 2.24 7.56
C VAL B 157 0.21 1.72 6.19
N THR B 158 -1.02 2.07 5.79
CA THR B 158 -1.60 1.70 4.52
C THR B 158 -0.78 2.29 3.38
N ALA B 159 -0.51 3.61 3.51
CA ALA B 159 0.31 4.38 2.57
C ALA B 159 1.75 3.89 2.56
N LYS B 160 2.34 3.69 3.75
CA LYS B 160 3.70 3.19 3.85
C LYS B 160 3.82 1.76 3.29
N HIS B 161 2.75 0.97 3.41
CA HIS B 161 2.67 -0.35 2.77
C HIS B 161 2.66 -0.23 1.24
N ALA B 162 2.03 0.83 0.73
CA ALA B 162 1.86 1.02 -0.72
C ALA B 162 3.16 1.40 -1.42
N LEU B 163 4.01 2.14 -0.71
CA LEU B 163 5.34 2.47 -1.20
C LEU B 163 6.15 1.24 -1.61
N LEU B 164 6.11 0.20 -0.78
CA LEU B 164 6.85 -1.04 -1.04
C LEU B 164 6.54 -1.68 -2.40
N GLY B 165 5.25 -1.64 -2.78
CA GLY B 165 4.79 -2.12 -4.07
C GLY B 165 5.21 -1.20 -5.20
N LEU B 166 5.03 0.12 -4.98
CA LEU B 166 5.43 1.13 -5.95
C LEU B 166 6.93 1.03 -6.21
N THR B 167 7.70 0.95 -5.12
CA THR B 167 9.16 0.74 -5.14
C THR B 167 9.51 -0.48 -5.98
N GLN B 168 9.02 -1.65 -5.54
CA GLN B 168 9.26 -2.91 -6.23
C GLN B 168 9.05 -2.80 -7.74
N ASN B 169 7.89 -2.26 -8.11
CA ASN B 169 7.46 -2.24 -9.49
C ASN B 169 8.28 -1.28 -10.37
N ALA B 170 8.55 -0.08 -9.84
CA ALA B 170 9.43 0.87 -10.53
C ALA B 170 10.81 0.23 -10.75
N ALA B 171 11.30 -0.50 -9.73
CA ALA B 171 12.60 -1.17 -9.78
C ALA B 171 12.66 -2.21 -10.91
N LEU B 172 11.59 -3.01 -11.06
CA LEU B 172 11.48 -3.94 -12.18
C LEU B 172 11.56 -3.26 -13.54
N GLU B 173 10.69 -2.25 -13.76
CA GLU B 173 10.48 -1.67 -15.09
C GLU B 173 11.64 -0.82 -15.63
N TYR B 174 12.41 -0.21 -14.72
CA TYR B 174 13.53 0.72 -15.04
C TYR B 174 14.87 0.15 -14.56
N ALA B 175 14.92 -1.14 -14.22
CA ALA B 175 16.17 -1.79 -13.87
C ALA B 175 17.08 -1.77 -15.09
N ALA B 176 16.53 -2.16 -16.25
CA ALA B 176 17.29 -2.24 -17.49
C ALA B 176 17.83 -0.89 -18.00
N ASP B 177 17.31 0.23 -17.47
CA ASP B 177 17.83 1.58 -17.72
C ASP B 177 18.77 2.01 -16.60
N LYS B 178 19.18 1.04 -15.77
CA LYS B 178 20.08 1.23 -14.64
C LYS B 178 19.58 2.28 -13.65
N VAL B 179 18.26 2.38 -13.51
CA VAL B 179 17.65 3.19 -12.48
C VAL B 179 17.17 2.26 -11.39
N ARG B 180 17.87 2.34 -10.24
CA ARG B 180 17.54 1.55 -9.02
C ARG B 180 16.44 2.29 -8.28
N VAL B 181 15.63 1.56 -7.51
CA VAL B 181 14.59 2.14 -6.67
C VAL B 181 14.51 1.25 -5.45
N VAL B 182 14.62 1.86 -4.27
CA VAL B 182 14.66 1.16 -2.99
C VAL B 182 13.75 1.89 -2.01
N ALA B 183 13.36 1.19 -0.94
CA ALA B 183 12.54 1.74 0.12
C ALA B 183 13.21 1.53 1.45
N VAL B 184 13.44 2.64 2.17
CA VAL B 184 14.02 2.62 3.51
C VAL B 184 12.89 2.49 4.51
N GLY B 185 13.15 1.82 5.64
CA GLY B 185 12.14 1.55 6.64
C GLY B 185 12.57 1.95 8.05
N PRO B 186 12.56 3.27 8.39
CA PRO B 186 12.92 3.70 9.73
C PRO B 186 11.90 3.22 10.78
N GLY B 187 12.37 3.04 12.02
CA GLY B 187 11.50 2.89 13.17
C GLY B 187 11.25 4.29 13.66
N PHE B 188 10.65 4.42 14.85
CA PHE B 188 10.40 5.73 15.44
C PHE B 188 11.69 6.53 15.66
N ILE B 189 11.80 7.65 14.94
CA ILE B 189 12.95 8.55 14.97
C ILE B 189 12.59 9.79 15.77
N ARG B 190 13.48 10.21 16.66
CA ARG B 190 13.34 11.49 17.43
C ARG B 190 13.66 12.67 16.50
N THR B 191 12.65 13.15 15.77
CA THR B 191 12.71 14.43 15.04
C THR B 191 11.94 15.46 15.86
N PRO B 192 12.27 16.77 15.75
CA PRO B 192 11.56 17.81 16.50
C PRO B 192 10.04 17.77 16.28
N LEU B 193 9.60 17.29 15.11
CA LEU B 193 8.18 17.07 14.82
C LEU B 193 7.59 15.99 15.74
N VAL B 194 8.25 14.83 15.77
CA VAL B 194 7.83 13.73 16.65
C VAL B 194 7.92 14.14 18.12
N GLU B 195 8.99 14.87 18.48
CA GLU B 195 9.20 15.32 19.85
C GLU B 195 8.19 16.36 20.31
N ALA B 196 7.81 17.27 19.39
CA ALA B 196 6.87 18.36 19.67
C ALA B 196 5.47 17.88 20.01
N ASN B 197 4.93 16.98 19.18
CA ASN B 197 3.65 16.31 19.46
C ASN B 197 3.94 14.84 19.80
N LEU B 198 3.71 14.49 21.07
CA LEU B 198 3.97 13.18 21.70
C LEU B 198 4.78 13.42 22.98
N SER B 199 4.29 12.84 24.08
CA SER B 199 4.73 13.14 25.43
C SER B 199 6.07 12.51 25.80
N ALA B 200 6.57 12.89 26.98
CA ALA B 200 7.69 12.24 27.61
C ALA B 200 7.34 10.77 27.91
N ASP B 201 6.19 10.57 28.56
CA ASP B 201 5.64 9.26 28.89
C ASP B 201 5.35 8.43 27.65
N ALA B 202 4.89 9.09 26.58
CA ALA B 202 4.54 8.43 25.33
C ALA B 202 5.80 7.86 24.66
N LEU B 203 6.85 8.67 24.62
CA LEU B 203 8.10 8.31 23.95
C LEU B 203 8.87 7.22 24.69
N ALA B 204 8.82 7.28 26.03
CA ALA B 204 9.29 6.20 26.89
C ALA B 204 8.70 4.86 26.41
N PHE B 205 7.37 4.84 26.20
CA PHE B 205 6.65 3.65 25.74
C PHE B 205 7.21 3.11 24.43
N LEU B 206 7.33 3.98 23.42
CA LEU B 206 7.81 3.58 22.10
C LEU B 206 9.27 3.10 22.11
N GLU B 207 10.10 3.73 22.96
CA GLU B 207 11.48 3.31 23.24
C GLU B 207 11.55 1.82 23.59
N GLY B 208 10.71 1.41 24.55
CA GLY B 208 10.64 0.03 25.03
C GLY B 208 10.31 -1.02 23.97
N LYS B 209 9.71 -0.60 22.85
CA LYS B 209 9.30 -1.48 21.75
C LYS B 209 10.40 -1.67 20.70
N HIS B 210 11.51 -0.93 20.87
CA HIS B 210 12.75 -1.13 20.09
C HIS B 210 13.76 -1.90 20.94
N ALA B 211 14.41 -2.89 20.32
CA ALA B 211 15.39 -3.76 20.98
C ALA B 211 16.55 -2.98 21.62
N LEU B 212 16.99 -1.92 20.94
CA LEU B 212 18.06 -1.05 21.43
C LEU B 212 17.61 -0.17 22.61
N GLY B 213 16.30 -0.14 22.85
CA GLY B 213 15.71 0.54 23.99
C GLY B 213 15.72 2.06 23.88
N ARG B 214 15.87 2.56 22.65
CA ARG B 214 15.83 4.01 22.33
C ARG B 214 15.24 4.21 20.93
N LEU B 215 14.88 5.45 20.59
CA LEU B 215 14.46 5.81 19.26
C LEU B 215 15.69 6.09 18.43
N GLY B 216 15.54 5.96 17.11
CA GLY B 216 16.59 6.32 16.17
C GLY B 216 16.77 7.83 16.11
N GLU B 217 17.97 8.25 15.67
CA GLU B 217 18.28 9.65 15.40
C GLU B 217 18.23 9.85 13.89
N PRO B 218 17.91 11.06 13.39
CA PRO B 218 17.75 11.30 11.96
C PRO B 218 18.98 10.88 11.12
N GLU B 219 20.19 11.17 11.61
CA GLU B 219 21.42 10.86 10.89
C GLU B 219 21.56 9.36 10.62
N GLU B 220 21.12 8.54 11.59
CA GLU B 220 21.10 7.08 11.49
C GLU B 220 20.29 6.58 10.29
N VAL B 221 19.17 7.25 10.01
CA VAL B 221 18.38 6.99 8.80
C VAL B 221 19.07 7.56 7.55
N ALA B 222 19.66 8.76 7.69
CA ALA B 222 20.37 9.44 6.62
C ALA B 222 21.57 8.66 6.04
N SER B 223 22.27 7.90 6.91
CA SER B 223 23.43 7.09 6.52
C SER B 223 23.04 6.03 5.50
N LEU B 224 21.95 5.32 5.79
CA LEU B 224 21.47 4.21 4.98
C LEU B 224 20.91 4.68 3.65
N VAL B 225 20.30 5.86 3.66
CA VAL B 225 19.75 6.47 2.47
C VAL B 225 20.92 6.93 1.57
N ALA B 226 21.87 7.65 2.18
CA ALA B 226 23.08 8.08 1.49
C ALA B 226 23.78 6.91 0.79
N PHE B 227 23.94 5.80 1.52
CA PHE B 227 24.58 4.59 1.00
C PHE B 227 23.80 4.04 -0.18
N LEU B 228 22.49 3.81 0.03
CA LEU B 228 21.62 3.24 -0.99
C LEU B 228 21.53 4.09 -2.25
N ALA B 229 21.65 5.41 -2.07
CA ALA B 229 21.60 6.40 -3.16
C ALA B 229 22.90 6.48 -3.96
N SER B 230 23.96 5.85 -3.43
CA SER B 230 25.31 5.90 -3.98
C SER B 230 25.61 4.73 -4.93
N ASP B 231 26.69 4.89 -5.71
CA ASP B 231 27.19 3.84 -6.62
C ASP B 231 27.69 2.61 -5.87
N ALA B 232 27.97 2.78 -4.58
CA ALA B 232 28.40 1.70 -3.70
C ALA B 232 27.32 0.64 -3.58
N ALA B 233 26.05 1.03 -3.75
CA ALA B 233 24.87 0.16 -3.67
C ALA B 233 24.28 -0.16 -5.05
N SER B 234 25.13 -0.60 -5.98
CA SER B 234 24.78 -0.79 -7.39
C SER B 234 24.18 -2.14 -7.80
N PHE B 235 23.93 -3.03 -6.82
CA PHE B 235 23.16 -4.27 -7.06
C PHE B 235 21.95 -4.37 -6.13
N ILE B 236 21.58 -3.24 -5.53
CA ILE B 236 20.43 -3.12 -4.63
C ILE B 236 19.34 -2.30 -5.33
N THR B 237 18.33 -3.00 -5.86
CA THR B 237 17.13 -2.37 -6.41
C THR B 237 15.92 -3.23 -6.04
N GLY B 238 14.81 -2.55 -5.75
CA GLY B 238 13.52 -3.19 -5.47
C GLY B 238 13.29 -3.54 -4.02
N SER B 239 14.35 -3.45 -3.20
CA SER B 239 14.34 -4.02 -1.86
C SER B 239 13.89 -2.98 -0.82
N TYR B 240 13.47 -3.49 0.33
CA TYR B 240 13.00 -2.74 1.52
C TYR B 240 14.05 -2.89 2.62
N HIS B 241 14.49 -1.77 3.20
CA HIS B 241 15.64 -1.78 4.10
C HIS B 241 15.34 -1.14 5.46
N LEU B 242 15.17 -1.99 6.47
CA LEU B 242 14.87 -1.58 7.84
C LEU B 242 16.05 -0.92 8.57
N VAL B 243 15.73 0.07 9.41
CA VAL B 243 16.66 0.73 10.30
C VAL B 243 15.83 1.12 11.52
N ASP B 244 15.60 0.14 12.40
CA ASP B 244 14.54 0.19 13.40
C ASP B 244 14.91 -0.35 14.79
N GLY B 245 16.22 -0.45 15.07
CA GLY B 245 16.71 -1.06 16.31
C GLY B 245 16.02 -2.37 16.66
N GLY B 246 15.81 -3.22 15.64
CA GLY B 246 15.18 -4.52 15.77
C GLY B 246 13.76 -4.45 16.27
N TYR B 247 12.98 -3.50 15.72
CA TYR B 247 11.53 -3.34 16.01
C TYR B 247 10.75 -4.53 15.41
N THR B 248 11.03 -4.86 14.14
CA THR B 248 10.31 -5.91 13.39
C THR B 248 10.79 -7.35 13.62
N ALA B 249 11.94 -7.51 14.29
CA ALA B 249 12.47 -8.83 14.64
C ALA B 249 11.67 -9.51 15.77
N GLN B 250 10.75 -8.76 16.38
CA GLN B 250 9.88 -9.25 17.43
C GLN B 250 8.52 -9.68 16.85
#